data_1F7N
#
_entry.id   1F7N
#
_cell.length_a   79.13
_cell.length_b   79.13
_cell.length_c   87.21
_cell.angle_alpha   90.0
_cell.angle_beta   90.0
_cell.angle_gamma   120.0
#
_symmetry.space_group_name_H-M   'P 63'
#
loop_
_entity.id
_entity.type
_entity.pdbx_description
1 polymer 'POL POLYPROTEIN'
2 non-polymer 'MAGNESIUM ION'
3 non-polymer "2'-DEOXYURIDINE 5'-MONOPHOSPHATE"
4 water water
#
_entity_poly.entity_id   1
_entity_poly.type   'polypeptide(L)'
_entity_poly.pdbx_seq_one_letter_code
;MIIEGDGILDKRSEDAGYDLLAAKEIHLLPGEVKVIPTGVKLMLPKGYWGLIIGKSSIGSKGLDVLGGVIDEGYRGEIGV
IMINVSRKSITLMERQKIAQLIILPCKHEVLEQGKVVMDSERGDNGYGSTGVFSSW
;
_entity_poly.pdbx_strand_id   A,B
#
loop_
_chem_comp.id
_chem_comp.type
_chem_comp.name
_chem_comp.formula
MG non-polymer 'MAGNESIUM ION' 'Mg 2'
UMP non-polymer '2'-DEOXYURIDINE 5'-MONOPHOSPHATE' 'C9 H13 N2 O8 P'
#
# COMPACT_ATOMS: atom_id res chain seq x y z
N MET A 1 3.01 -2.47 -13.28
CA MET A 1 2.32 -1.49 -14.16
C MET A 1 2.31 -0.11 -13.52
N ILE A 2 2.05 0.90 -14.34
CA ILE A 2 2.00 2.28 -13.87
C ILE A 2 0.66 2.57 -13.25
N ILE A 3 0.68 3.18 -12.07
CA ILE A 3 -0.54 3.55 -11.39
C ILE A 3 -0.35 4.96 -10.86
N GLU A 4 -1.43 5.62 -10.51
CA GLU A 4 -1.36 6.96 -9.96
C GLU A 4 -2.24 6.85 -8.75
N GLY A 5 -1.85 7.44 -7.63
CA GLY A 5 -2.72 7.35 -6.47
C GLY A 5 -2.28 6.37 -5.41
N ASP A 6 -2.85 6.49 -4.23
CA ASP A 6 -2.44 5.60 -3.17
C ASP A 6 -3.60 4.76 -2.70
N GLY A 7 -4.64 4.63 -3.53
CA GLY A 7 -5.78 3.84 -3.12
C GLY A 7 -5.66 2.37 -3.46
N ILE A 8 -4.48 1.94 -3.92
CA ILE A 8 -4.24 0.54 -4.27
C ILE A 8 -2.96 0.07 -3.61
N LEU A 9 -2.97 -1.14 -3.06
CA LEU A 9 -1.80 -1.68 -2.36
C LEU A 9 -1.01 -2.82 -2.99
N ASP A 10 0.31 -2.76 -2.87
CA ASP A 10 1.19 -3.80 -3.39
C ASP A 10 0.75 -5.08 -2.72
N LYS A 11 0.90 -6.20 -3.42
CA LYS A 11 0.52 -7.47 -2.84
C LYS A 11 1.72 -8.38 -2.80
N ARG A 12 1.56 -9.53 -2.16
CA ARG A 12 2.66 -10.50 -2.09
C ARG A 12 2.55 -11.34 -3.34
N SER A 13 3.55 -12.19 -3.54
CA SER A 13 3.60 -13.08 -4.70
C SER A 13 2.48 -14.09 -4.60
N GLU A 14 2.17 -14.51 -3.39
CA GLU A 14 1.13 -15.51 -3.17
C GLU A 14 -0.32 -15.04 -3.19
N ASP A 15 -0.54 -13.73 -3.33
CA ASP A 15 -1.91 -13.20 -3.36
C ASP A 15 -2.33 -12.97 -4.78
N ALA A 16 -3.60 -13.19 -5.06
CA ALA A 16 -4.17 -13.01 -6.38
C ALA A 16 -4.45 -11.56 -6.75
N GLY A 17 -4.94 -10.76 -5.80
CA GLY A 17 -5.25 -9.38 -6.13
C GLY A 17 -4.73 -8.28 -5.21
N TYR A 18 -4.85 -7.04 -5.69
CA TYR A 18 -4.43 -5.86 -4.98
C TYR A 18 -5.60 -5.25 -4.24
N ASP A 19 -5.44 -4.95 -2.95
CA ASP A 19 -6.50 -4.37 -2.16
C ASP A 19 -6.76 -2.96 -2.64
N LEU A 20 -8.03 -2.60 -2.71
CA LEU A 20 -8.45 -1.28 -3.14
C LEU A 20 -9.05 -0.61 -1.90
N LEU A 21 -8.74 0.67 -1.71
CA LEU A 21 -9.24 1.41 -0.55
C LEU A 21 -10.28 2.39 -0.95
N ALA A 22 -11.11 2.77 0.01
CA ALA A 22 -12.17 3.74 -0.23
C ALA A 22 -11.55 5.11 -0.01
N ALA A 23 -11.73 6.02 -0.97
CA ALA A 23 -11.17 7.36 -0.89
C ALA A 23 -11.86 8.28 0.10
N LYS A 24 -13.06 7.91 0.52
CA LYS A 24 -13.77 8.75 1.47
C LYS A 24 -14.77 7.92 2.21
N GLU A 25 -15.26 8.44 3.32
CA GLU A 25 -16.23 7.71 4.13
C GLU A 25 -17.52 7.51 3.40
N ILE A 26 -18.11 6.33 3.51
CA ILE A 26 -19.36 6.04 2.82
C ILE A 26 -20.36 5.32 3.69
N HIS A 27 -21.60 5.81 3.68
CA HIS A 27 -22.66 5.20 4.46
C HIS A 27 -23.62 4.59 3.45
N LEU A 28 -24.12 3.39 3.74
CA LEU A 28 -25.05 2.73 2.83
C LEU A 28 -26.20 2.11 3.60
N LEU A 29 -27.42 2.48 3.23
CA LEU A 29 -28.59 1.93 3.89
C LEU A 29 -28.99 0.67 3.15
N PRO A 30 -29.73 -0.23 3.81
CA PRO A 30 -30.12 -1.45 3.12
C PRO A 30 -30.66 -1.12 1.75
N GLY A 31 -30.21 -1.85 0.74
CA GLY A 31 -30.69 -1.64 -0.61
C GLY A 31 -30.14 -0.45 -1.37
N GLU A 32 -29.13 0.22 -0.84
CA GLU A 32 -28.55 1.38 -1.50
C GLU A 32 -27.33 1.06 -2.34
N VAL A 33 -27.25 1.66 -3.53
CA VAL A 33 -26.13 1.47 -4.47
C VAL A 33 -25.34 2.75 -4.56
N LYS A 34 -24.03 2.69 -4.36
CA LYS A 34 -23.20 3.88 -4.47
C LYS A 34 -21.88 3.51 -5.11
N VAL A 35 -21.37 4.38 -5.98
CA VAL A 35 -20.10 4.12 -6.62
C VAL A 35 -19.03 4.69 -5.75
N ILE A 36 -18.30 3.82 -5.06
CA ILE A 36 -17.24 4.24 -4.17
C ILE A 36 -15.97 4.54 -4.95
N PRO A 37 -15.40 5.74 -4.76
CA PRO A 37 -14.17 6.13 -5.47
C PRO A 37 -12.92 5.65 -4.73
N THR A 38 -11.85 5.41 -5.49
CA THR A 38 -10.60 4.93 -4.92
C THR A 38 -9.47 5.92 -5.12
N GLY A 39 -9.62 6.77 -6.12
CA GLY A 39 -8.60 7.76 -6.38
C GLY A 39 -7.45 7.20 -7.20
N VAL A 40 -7.55 5.95 -7.61
CA VAL A 40 -6.47 5.38 -8.41
C VAL A 40 -6.83 5.18 -9.86
N LYS A 41 -5.82 5.36 -10.70
CA LYS A 41 -5.95 5.17 -12.14
C LYS A 41 -4.83 4.20 -12.42
N LEU A 42 -4.87 3.51 -13.56
CA LEU A 42 -3.76 2.63 -13.84
C LEU A 42 -3.63 2.32 -15.30
N MET A 43 -2.47 1.80 -15.67
CA MET A 43 -2.21 1.43 -17.04
C MET A 43 -2.04 -0.07 -17.08
N LEU A 44 -3.15 -0.76 -17.27
CA LEU A 44 -3.13 -2.20 -17.32
C LEU A 44 -2.19 -2.61 -18.43
N PRO A 45 -1.44 -3.70 -18.21
CA PRO A 45 -0.50 -4.16 -19.26
C PRO A 45 -1.25 -4.63 -20.51
N LYS A 46 -0.67 -4.43 -21.68
CA LYS A 46 -1.34 -4.85 -22.89
C LYS A 46 -1.62 -6.33 -22.85
N GLY A 47 -2.82 -6.71 -23.24
CA GLY A 47 -3.18 -8.11 -23.27
C GLY A 47 -3.93 -8.60 -22.05
N TYR A 48 -4.17 -7.68 -21.12
CA TYR A 48 -4.85 -8.04 -19.89
C TYR A 48 -5.94 -7.06 -19.50
N TRP A 49 -6.87 -7.52 -18.66
CA TRP A 49 -7.95 -6.68 -18.15
C TRP A 49 -7.93 -6.83 -16.65
N GLY A 50 -8.69 -6.01 -15.94
CA GLY A 50 -8.70 -6.10 -14.50
C GLY A 50 -10.07 -6.44 -14.00
N LEU A 51 -10.13 -7.34 -13.03
CA LEU A 51 -11.39 -7.74 -12.48
C LEU A 51 -11.50 -7.27 -11.04
N ILE A 52 -12.55 -6.53 -10.71
CA ILE A 52 -12.75 -6.06 -9.35
C ILE A 52 -13.61 -7.11 -8.72
N ILE A 53 -13.19 -7.63 -7.57
CA ILE A 53 -13.98 -8.65 -6.95
C ILE A 53 -13.98 -8.41 -5.46
N GLY A 54 -15.00 -8.91 -4.78
CA GLY A 54 -15.11 -8.67 -3.36
C GLY A 54 -14.16 -9.38 -2.42
N LYS A 55 -14.05 -8.82 -1.21
CA LYS A 55 -13.20 -9.37 -0.17
C LYS A 55 -14.15 -10.05 0.82
N SER A 56 -13.70 -11.13 1.44
CA SER A 56 -14.55 -11.84 2.39
C SER A 56 -14.97 -11.03 3.61
N SER A 57 -14.14 -10.09 4.05
CA SER A 57 -14.50 -9.33 5.24
C SER A 57 -15.67 -8.40 4.99
N ILE A 58 -15.71 -7.75 3.85
CA ILE A 58 -16.84 -6.86 3.62
C ILE A 58 -18.02 -7.69 3.11
N GLY A 59 -17.74 -8.71 2.34
CA GLY A 59 -18.82 -9.54 1.84
C GLY A 59 -19.58 -10.19 2.98
N SER A 60 -18.87 -10.60 4.01
CA SER A 60 -19.53 -11.25 5.13
C SER A 60 -20.40 -10.27 5.87
N LYS A 61 -20.37 -9.01 5.45
CA LYS A 61 -21.16 -7.99 6.08
C LYS A 61 -22.38 -7.71 5.23
N GLY A 62 -22.54 -8.44 4.15
CA GLY A 62 -23.70 -8.25 3.30
C GLY A 62 -23.52 -7.18 2.25
N LEU A 63 -22.28 -6.91 1.87
CA LEU A 63 -21.98 -5.92 0.86
C LEU A 63 -21.54 -6.67 -0.40
N ASP A 64 -22.01 -6.25 -1.57
CA ASP A 64 -21.63 -6.91 -2.82
C ASP A 64 -21.01 -5.91 -3.78
N VAL A 65 -20.22 -6.42 -4.71
CA VAL A 65 -19.57 -5.62 -5.73
C VAL A 65 -20.27 -5.93 -7.05
N LEU A 66 -20.69 -4.89 -7.76
CA LEU A 66 -21.39 -5.02 -9.05
C LEU A 66 -20.48 -4.57 -10.18
N GLY A 67 -20.82 -4.93 -11.41
CA GLY A 67 -19.98 -4.56 -12.53
C GLY A 67 -18.64 -5.22 -12.29
N GLY A 68 -17.56 -4.44 -12.38
CA GLY A 68 -16.26 -5.01 -12.10
C GLY A 68 -15.30 -5.31 -13.22
N VAL A 69 -15.52 -4.75 -14.39
CA VAL A 69 -14.62 -5.02 -15.49
C VAL A 69 -13.84 -3.78 -15.93
N ILE A 70 -12.54 -3.81 -15.73
CA ILE A 70 -11.68 -2.71 -16.12
C ILE A 70 -11.07 -3.06 -17.47
N ASP A 71 -11.38 -2.29 -18.48
CA ASP A 71 -10.83 -2.57 -19.78
C ASP A 71 -9.43 -1.99 -19.88
N GLU A 72 -8.56 -2.69 -20.59
CA GLU A 72 -7.18 -2.29 -20.74
C GLU A 72 -7.01 -0.83 -21.17
N GLY A 73 -7.89 -0.35 -22.02
CA GLY A 73 -7.78 1.02 -22.49
C GLY A 73 -8.30 2.09 -21.52
N TYR A 74 -9.00 1.68 -20.48
CA TYR A 74 -9.54 2.65 -19.54
C TYR A 74 -8.40 3.37 -18.83
N ARG A 75 -8.52 4.69 -18.68
CA ARG A 75 -7.49 5.47 -17.98
C ARG A 75 -8.11 6.30 -16.88
N GLY A 76 -9.43 6.31 -16.82
CA GLY A 76 -10.10 7.09 -15.80
C GLY A 76 -9.80 6.52 -14.44
N GLU A 77 -10.42 7.09 -13.41
CA GLU A 77 -10.21 6.61 -12.06
C GLU A 77 -11.08 5.39 -11.84
N ILE A 78 -10.57 4.46 -11.04
CA ILE A 78 -11.29 3.24 -10.75
C ILE A 78 -12.30 3.44 -9.66
N GLY A 79 -13.52 2.96 -9.89
CA GLY A 79 -14.56 3.09 -8.90
C GLY A 79 -15.16 1.74 -8.58
N VAL A 80 -15.51 1.52 -7.34
CA VAL A 80 -16.10 0.26 -6.96
C VAL A 80 -17.58 0.46 -6.70
N ILE A 81 -18.39 -0.27 -7.47
CA ILE A 81 -19.82 -0.17 -7.33
C ILE A 81 -20.29 -1.13 -6.25
N MET A 82 -20.71 -0.59 -5.12
CA MET A 82 -21.15 -1.37 -3.97
C MET A 82 -22.62 -1.22 -3.60
N ILE A 83 -23.23 -2.31 -3.15
CA ILE A 83 -24.62 -2.29 -2.69
C ILE A 83 -24.74 -3.01 -1.39
N ASN A 84 -25.58 -2.46 -0.51
CA ASN A 84 -25.86 -3.06 0.78
C ASN A 84 -27.04 -3.98 0.51
N VAL A 85 -26.79 -5.28 0.42
CA VAL A 85 -27.86 -6.23 0.17
C VAL A 85 -28.24 -6.90 1.48
N SER A 86 -27.71 -6.38 2.58
CA SER A 86 -28.02 -6.91 3.89
C SER A 86 -29.21 -6.12 4.45
N ARG A 87 -29.62 -6.41 5.67
CA ARG A 87 -30.75 -5.69 6.23
C ARG A 87 -30.33 -4.68 7.29
N LYS A 88 -29.05 -4.40 7.40
CA LYS A 88 -28.61 -3.43 8.37
C LYS A 88 -27.75 -2.39 7.70
N SER A 89 -27.72 -1.19 8.27
CA SER A 89 -26.94 -0.08 7.72
C SER A 89 -25.45 -0.27 7.90
N ILE A 90 -24.64 0.24 6.99
CA ILE A 90 -23.19 0.09 7.09
C ILE A 90 -22.42 1.34 6.72
N THR A 91 -21.31 1.56 7.40
CA THR A 91 -20.45 2.70 7.15
C THR A 91 -19.08 2.16 6.80
N LEU A 92 -18.52 2.62 5.70
CA LEU A 92 -17.20 2.20 5.27
C LEU A 92 -16.27 3.35 5.58
N MET A 93 -15.27 3.13 6.43
CA MET A 93 -14.37 4.21 6.77
C MET A 93 -13.48 4.58 5.61
N GLU A 94 -12.98 5.80 5.67
CA GLU A 94 -12.08 6.31 4.65
C GLU A 94 -10.82 5.46 4.61
N ARG A 95 -10.40 5.13 3.40
CA ARG A 95 -9.21 4.33 3.19
C ARG A 95 -9.36 2.89 3.67
N GLN A 96 -10.59 2.47 3.90
CA GLN A 96 -10.87 1.11 4.34
C GLN A 96 -10.78 0.17 3.16
N LYS A 97 -10.44 -1.10 3.38
CA LYS A 97 -10.34 -2.04 2.26
C LYS A 97 -11.76 -2.46 1.87
N ILE A 98 -12.13 -2.25 0.61
CA ILE A 98 -13.47 -2.57 0.13
C ILE A 98 -13.52 -3.56 -1.02
N ALA A 99 -12.41 -3.74 -1.71
CA ALA A 99 -12.39 -4.69 -2.82
C ALA A 99 -10.96 -5.06 -3.22
N GLN A 100 -10.85 -5.91 -4.22
CA GLN A 100 -9.59 -6.45 -4.72
C GLN A 100 -9.50 -6.37 -6.24
N LEU A 101 -8.33 -6.07 -6.78
CA LEU A 101 -8.19 -6.03 -8.23
C LEU A 101 -7.34 -7.20 -8.66
N ILE A 102 -7.84 -8.00 -9.60
CA ILE A 102 -7.14 -9.15 -10.14
C ILE A 102 -6.90 -8.97 -11.62
N ILE A 103 -5.68 -9.18 -12.07
CA ILE A 103 -5.34 -9.00 -13.48
C ILE A 103 -5.46 -10.31 -14.24
N LEU A 104 -6.30 -10.33 -15.27
CA LEU A 104 -6.53 -11.53 -16.04
C LEU A 104 -6.26 -11.33 -17.54
N PRO A 105 -5.93 -12.41 -18.26
CA PRO A 105 -5.66 -12.40 -19.70
C PRO A 105 -6.84 -12.18 -20.63
N CYS A 106 -6.56 -11.46 -21.72
CA CYS A 106 -7.51 -11.10 -22.78
C CYS A 106 -7.58 -12.15 -23.87
N LYS A 107 -8.78 -12.40 -24.39
CA LYS A 107 -8.93 -13.34 -25.49
C LYS A 107 -9.94 -12.75 -26.46
N HIS A 108 -9.44 -12.32 -27.60
CA HIS A 108 -10.25 -11.71 -28.64
C HIS A 108 -10.56 -12.67 -29.79
N GLU A 109 -11.84 -12.92 -30.01
CA GLU A 109 -12.27 -13.80 -31.08
C GLU A 109 -13.02 -12.98 -32.08
N VAL A 110 -13.12 -13.49 -33.30
CA VAL A 110 -13.86 -12.79 -34.32
C VAL A 110 -15.23 -13.45 -34.21
N LEU A 111 -16.29 -12.70 -34.47
CA LEU A 111 -17.60 -13.31 -34.36
C LEU A 111 -17.98 -13.83 -35.73
N GLU A 112 -18.24 -15.13 -35.83
CA GLU A 112 -18.62 -15.74 -37.09
C GLU A 112 -20.07 -16.19 -37.02
N GLN A 113 -20.94 -15.56 -37.81
CA GLN A 113 -22.33 -15.98 -37.81
C GLN A 113 -22.37 -17.31 -38.51
N GLY A 114 -22.93 -18.31 -37.84
CA GLY A 114 -23.02 -19.63 -38.42
C GLY A 114 -24.14 -20.36 -37.74
N LYS A 115 -23.99 -21.67 -37.63
CA LYS A 115 -25.00 -22.50 -37.00
C LYS A 115 -24.23 -23.39 -36.04
N VAL A 116 -24.51 -23.26 -34.75
CA VAL A 116 -23.84 -24.05 -33.75
C VAL A 116 -24.65 -25.33 -33.63
N VAL A 117 -23.94 -26.45 -33.65
CA VAL A 117 -24.57 -27.77 -33.59
C VAL A 117 -24.72 -28.34 -32.19
N MET B 1 21.99 -7.60 -2.03
CA MET B 1 21.87 -7.57 -0.55
C MET B 1 20.94 -8.67 -0.08
N ILE B 2 21.25 -9.25 1.07
CA ILE B 2 20.45 -10.33 1.62
C ILE B 2 19.40 -9.85 2.62
N ILE B 3 18.12 -10.07 2.30
CA ILE B 3 17.04 -9.67 3.17
C ILE B 3 16.22 -10.89 3.55
N GLU B 4 15.38 -10.72 4.56
CA GLU B 4 14.52 -11.79 5.03
C GLU B 4 13.17 -11.22 5.42
N GLY B 5 12.30 -11.00 4.43
CA GLY B 5 11.01 -10.47 4.78
C GLY B 5 10.19 -10.02 3.59
N ASP B 6 8.95 -9.61 3.88
CA ASP B 6 8.00 -9.15 2.88
C ASP B 6 7.86 -7.66 2.77
N GLY B 7 8.20 -6.97 3.86
CA GLY B 7 8.04 -5.52 3.93
C GLY B 7 8.92 -4.57 3.16
N ILE B 8 9.79 -5.05 2.29
CA ILE B 8 10.63 -4.13 1.57
C ILE B 8 10.51 -4.45 0.09
N LEU B 9 10.45 -3.42 -0.76
CA LEU B 9 10.32 -3.65 -2.19
C LEU B 9 11.60 -3.31 -2.92
N ASP B 10 11.79 -3.94 -4.09
CA ASP B 10 12.98 -3.68 -4.89
C ASP B 10 12.81 -2.25 -5.36
N LYS B 11 13.78 -1.72 -6.09
CA LYS B 11 13.70 -0.33 -6.55
C LYS B 11 14.44 -0.11 -7.86
N ARG B 12 13.97 0.83 -8.67
CA ARG B 12 14.66 1.10 -9.93
C ARG B 12 16.03 1.64 -9.58
N SER B 13 16.89 1.82 -10.57
CA SER B 13 18.22 2.34 -10.28
C SER B 13 18.21 3.86 -10.24
N GLU B 14 17.08 4.44 -10.66
CA GLU B 14 16.91 5.89 -10.68
C GLU B 14 16.54 6.42 -9.32
N ASP B 15 15.86 5.58 -8.53
CA ASP B 15 15.42 5.98 -7.21
C ASP B 15 16.51 5.87 -6.17
N ALA B 16 16.29 6.50 -5.02
CA ALA B 16 17.27 6.48 -3.97
C ALA B 16 17.09 5.31 -3.00
N GLY B 17 15.87 5.08 -2.52
CA GLY B 17 15.67 4.00 -1.58
C GLY B 17 14.65 2.92 -1.84
N TYR B 18 14.47 2.04 -0.85
CA TYR B 18 13.54 0.92 -0.92
C TYR B 18 12.31 1.22 -0.10
N ASP B 19 11.14 1.03 -0.70
CA ASP B 19 9.89 1.28 -0.02
C ASP B 19 9.72 0.28 1.12
N LEU B 20 9.27 0.75 2.27
CA LEU B 20 9.05 -0.11 3.44
C LEU B 20 7.56 -0.18 3.66
N LEU B 21 7.03 -1.38 3.84
CA LEU B 21 5.60 -1.57 4.04
C LEU B 21 5.28 -1.90 5.47
N ALA B 22 4.09 -1.53 5.94
CA ALA B 22 3.66 -1.83 7.31
C ALA B 22 3.25 -3.30 7.39
N ALA B 23 3.54 -3.97 8.50
CA ALA B 23 3.22 -5.38 8.66
C ALA B 23 1.98 -5.62 9.49
N LYS B 24 1.35 -4.54 9.93
CA LYS B 24 0.15 -4.64 10.75
C LYS B 24 -0.65 -3.38 10.60
N GLU B 25 -1.94 -3.46 10.89
CA GLU B 25 -2.81 -2.30 10.84
C GLU B 25 -2.35 -1.55 12.09
N ILE B 26 -2.39 -0.23 12.06
CA ILE B 26 -1.96 0.54 13.21
C ILE B 26 -2.77 1.82 13.27
N HIS B 27 -3.17 2.23 14.46
CA HIS B 27 -3.95 3.45 14.62
C HIS B 27 -3.11 4.40 15.45
N LEU B 28 -3.07 5.67 15.08
CA LEU B 28 -2.28 6.63 15.81
C LEU B 28 -3.11 7.86 16.16
N LEU B 29 -3.13 8.19 17.44
CA LEU B 29 -3.85 9.35 17.95
C LEU B 29 -2.94 10.57 17.84
N PRO B 30 -3.54 11.75 17.65
CA PRO B 30 -2.68 12.92 17.55
C PRO B 30 -1.74 12.95 18.74
N GLY B 31 -0.45 13.08 18.46
CA GLY B 31 0.53 13.12 19.53
C GLY B 31 1.05 11.74 19.87
N GLU B 32 0.48 10.71 19.25
CA GLU B 32 0.90 9.34 19.55
C GLU B 32 2.12 8.92 18.77
N VAL B 33 3.01 8.18 19.43
CA VAL B 33 4.23 7.67 18.85
C VAL B 33 4.05 6.18 18.88
N LYS B 34 4.33 5.51 17.76
CA LYS B 34 4.23 4.06 17.71
C LYS B 34 5.39 3.58 16.90
N VAL B 35 5.78 2.33 17.12
CA VAL B 35 6.87 1.75 16.36
C VAL B 35 6.18 0.75 15.42
N ILE B 36 6.16 1.06 14.14
CA ILE B 36 5.53 0.20 13.16
C ILE B 36 6.54 -0.82 12.67
N PRO B 37 6.17 -2.11 12.67
CA PRO B 37 7.08 -3.15 12.21
C PRO B 37 6.88 -3.39 10.74
N THR B 38 7.95 -3.77 10.05
CA THR B 38 7.89 -4.03 8.62
C THR B 38 7.97 -5.51 8.35
N GLY B 39 8.51 -6.22 9.33
CA GLY B 39 8.68 -7.65 9.20
C GLY B 39 9.96 -7.99 8.46
N VAL B 40 10.85 -7.02 8.28
CA VAL B 40 12.06 -7.34 7.56
C VAL B 40 13.35 -7.13 8.35
N LYS B 41 14.35 -7.95 7.99
CA LYS B 41 15.66 -7.92 8.60
C LYS B 41 16.64 -7.99 7.43
N LEU B 42 17.69 -7.18 7.46
CA LEU B 42 18.64 -7.28 6.37
C LEU B 42 20.02 -7.44 6.91
N MET B 43 20.92 -7.67 5.96
CA MET B 43 22.32 -7.85 6.23
C MET B 43 23.01 -6.76 5.43
N LEU B 44 23.04 -5.56 6.00
CA LEU B 44 23.66 -4.41 5.36
C LEU B 44 25.10 -4.74 4.93
N PRO B 45 25.54 -4.20 3.77
CA PRO B 45 26.91 -4.46 3.30
C PRO B 45 27.87 -3.95 4.35
N LYS B 46 29.14 -4.33 4.22
CA LYS B 46 30.11 -3.89 5.19
C LYS B 46 30.51 -2.45 4.87
N GLY B 47 30.61 -1.62 5.91
CA GLY B 47 30.98 -0.24 5.70
C GLY B 47 29.85 0.66 5.25
N TYR B 48 28.60 0.25 5.51
CA TYR B 48 27.42 1.03 5.12
C TYR B 48 26.38 0.97 6.23
N TRP B 49 25.48 1.96 6.28
CA TRP B 49 24.41 1.96 7.27
C TRP B 49 23.13 2.25 6.51
N GLY B 50 21.98 2.17 7.18
CA GLY B 50 20.73 2.43 6.51
C GLY B 50 19.91 3.56 7.10
N LEU B 51 19.51 4.49 6.26
CA LEU B 51 18.72 5.61 6.74
C LEU B 51 17.25 5.41 6.45
N ILE B 52 16.42 5.46 7.48
CA ILE B 52 14.98 5.33 7.31
C ILE B 52 14.46 6.74 7.19
N ILE B 53 13.84 7.06 6.07
CA ILE B 53 13.31 8.40 5.84
C ILE B 53 11.90 8.34 5.28
N GLY B 54 11.13 9.42 5.44
CA GLY B 54 9.76 9.37 4.98
C GLY B 54 9.52 9.47 3.48
N LYS B 55 8.27 9.27 3.11
CA LYS B 55 7.86 9.37 1.72
C LYS B 55 6.88 10.53 1.72
N SER B 56 6.91 11.35 0.68
CA SER B 56 6.03 12.50 0.66
C SER B 56 4.55 12.16 0.84
N SER B 57 4.19 10.91 0.58
CA SER B 57 2.80 10.49 0.70
C SER B 57 2.24 10.50 2.10
N ILE B 58 2.97 9.95 3.07
CA ILE B 58 2.47 9.95 4.44
C ILE B 58 2.90 11.23 5.15
N GLY B 59 4.10 11.71 4.80
CA GLY B 59 4.55 12.94 5.40
C GLY B 59 3.40 13.90 5.22
N SER B 60 3.07 14.19 3.97
CA SER B 60 1.98 15.10 3.67
C SER B 60 0.72 14.82 4.47
N LYS B 61 0.68 13.68 5.15
CA LYS B 61 -0.48 13.35 5.95
C LYS B 61 -0.27 13.86 7.35
N GLY B 62 0.96 14.31 7.62
CA GLY B 62 1.27 14.80 8.95
C GLY B 62 1.82 13.70 9.83
N LEU B 63 2.53 12.76 9.22
CA LEU B 63 3.13 11.65 9.94
C LEU B 63 4.62 11.79 9.83
N ASP B 64 5.30 11.99 10.97
CA ASP B 64 6.74 12.16 10.96
C ASP B 64 7.52 10.88 11.23
N VAL B 65 8.74 10.81 10.73
CA VAL B 65 9.56 9.64 10.97
C VAL B 65 10.70 9.98 11.92
N LEU B 66 10.73 9.27 13.05
CA LEU B 66 11.76 9.48 14.08
C LEU B 66 12.86 8.42 14.02
N GLY B 67 13.89 8.58 14.85
CA GLY B 67 15.00 7.65 14.81
C GLY B 67 15.39 7.57 13.35
N GLY B 68 15.86 6.42 12.90
CA GLY B 68 16.19 6.31 11.49
C GLY B 68 17.49 5.64 11.17
N VAL B 69 18.31 5.36 12.16
CA VAL B 69 19.59 4.74 11.88
C VAL B 69 19.52 3.23 12.02
N ILE B 70 19.97 2.53 10.99
CA ILE B 70 19.99 1.07 11.02
C ILE B 70 21.47 0.79 10.90
N ASP B 71 22.10 0.46 12.03
CA ASP B 71 23.53 0.16 12.08
C ASP B 71 23.87 -1.07 11.22
N GLU B 72 25.10 -1.09 10.71
CA GLU B 72 25.56 -2.18 9.88
C GLU B 72 25.49 -3.55 10.57
N GLY B 73 25.77 -3.56 11.87
CA GLY B 73 25.74 -4.81 12.61
C GLY B 73 24.40 -5.15 13.21
N TYR B 74 23.35 -4.52 12.72
CA TYR B 74 22.01 -4.81 13.22
C TYR B 74 21.44 -5.92 12.36
N ARG B 75 20.97 -6.97 13.01
CA ARG B 75 20.44 -8.12 12.29
C ARG B 75 18.95 -8.36 12.50
N GLY B 76 18.41 -7.80 13.58
CA GLY B 76 17.01 -7.97 13.88
C GLY B 76 16.04 -7.31 12.92
N GLU B 77 14.78 -7.26 13.33
CA GLU B 77 13.72 -6.69 12.52
C GLU B 77 13.74 -5.18 12.51
N ILE B 78 13.55 -4.62 11.32
CA ILE B 78 13.56 -3.17 11.15
C ILE B 78 12.20 -2.57 11.50
N GLY B 79 12.21 -1.60 12.40
CA GLY B 79 10.97 -0.95 12.79
C GLY B 79 11.03 0.51 12.38
N VAL B 80 9.87 1.14 12.30
CA VAL B 80 9.80 2.54 11.90
C VAL B 80 9.04 3.29 12.98
N ILE B 81 9.69 4.25 13.62
CA ILE B 81 9.07 5.03 14.67
C ILE B 81 8.29 6.16 14.04
N MET B 82 7.02 6.27 14.41
CA MET B 82 6.15 7.26 13.81
C MET B 82 5.33 8.01 14.81
N ILE B 83 5.16 9.30 14.57
CA ILE B 83 4.35 10.16 15.44
C ILE B 83 3.30 10.74 14.53
N ASN B 84 2.13 10.99 15.09
CA ASN B 84 1.08 11.59 14.32
C ASN B 84 1.11 13.04 14.76
N VAL B 85 1.88 13.85 14.04
CA VAL B 85 1.99 15.25 14.42
C VAL B 85 0.87 16.04 13.77
N SER B 86 -0.24 15.37 13.50
CA SER B 86 -1.39 16.02 12.92
C SER B 86 -2.41 16.21 14.02
N ARG B 87 -3.58 16.73 13.66
CA ARG B 87 -4.63 16.98 14.63
C ARG B 87 -5.69 15.92 14.41
N LYS B 88 -5.58 15.27 13.27
CA LYS B 88 -6.49 14.21 12.82
C LYS B 88 -5.89 12.85 13.19
N SER B 89 -6.68 11.96 13.79
CA SER B 89 -6.17 10.64 14.16
C SER B 89 -6.00 9.88 12.85
N ILE B 90 -5.20 8.82 12.83
CA ILE B 90 -4.96 8.10 11.58
C ILE B 90 -4.72 6.62 11.74
N THR B 91 -5.10 5.85 10.72
CA THR B 91 -4.89 4.41 10.73
C THR B 91 -4.01 4.13 9.52
N LEU B 92 -3.21 3.07 9.59
CA LEU B 92 -2.35 2.72 8.49
C LEU B 92 -2.65 1.28 8.17
N MET B 93 -3.03 1.00 6.93
CA MET B 93 -3.36 -0.37 6.60
C MET B 93 -2.14 -1.24 6.49
N GLU B 94 -2.35 -2.54 6.48
CA GLU B 94 -1.27 -3.49 6.37
C GLU B 94 -0.76 -3.48 4.92
N ARG B 95 0.55 -3.56 4.74
CA ARG B 95 1.16 -3.55 3.41
C ARG B 95 1.20 -2.17 2.76
N GLN B 96 0.90 -1.16 3.55
CA GLN B 96 0.88 0.21 3.09
C GLN B 96 2.31 0.74 3.14
N LYS B 97 2.67 1.60 2.20
CA LYS B 97 4.01 2.16 2.16
C LYS B 97 4.15 3.24 3.23
N ILE B 98 5.06 3.03 4.18
CA ILE B 98 5.25 3.98 5.28
C ILE B 98 6.57 4.74 5.29
N ALA B 99 7.63 4.07 4.87
CA ALA B 99 8.93 4.69 4.87
C ALA B 99 9.75 4.27 3.68
N GLN B 100 11.03 4.62 3.72
CA GLN B 100 11.96 4.38 2.62
C GLN B 100 13.34 4.10 3.23
N LEU B 101 14.06 3.12 2.71
CA LEU B 101 15.38 2.80 3.25
C LEU B 101 16.47 3.15 2.26
N ILE B 102 17.41 4.00 2.67
CA ILE B 102 18.51 4.39 1.81
C ILE B 102 19.80 3.91 2.43
N ILE B 103 20.66 3.32 1.60
CA ILE B 103 21.95 2.81 2.06
C ILE B 103 23.00 3.90 1.86
N LEU B 104 23.69 4.26 2.93
CA LEU B 104 24.70 5.29 2.86
C LEU B 104 26.02 4.82 3.50
N PRO B 105 27.14 5.42 3.10
CA PRO B 105 28.49 5.10 3.58
C PRO B 105 28.75 5.62 4.98
N CYS B 106 29.24 4.75 5.84
CA CYS B 106 29.56 5.11 7.22
C CYS B 106 31.07 5.28 7.33
N LYS B 107 31.51 6.44 7.83
CA LYS B 107 32.93 6.73 8.00
C LYS B 107 33.32 6.69 9.47
N HIS B 108 34.19 5.77 9.84
CA HIS B 108 34.63 5.62 11.23
C HIS B 108 35.94 6.38 11.53
N GLU B 109 35.90 7.21 12.56
CA GLU B 109 37.07 7.98 12.92
C GLU B 109 37.35 7.82 14.38
N VAL B 110 38.63 7.85 14.75
CA VAL B 110 39.00 7.70 16.16
C VAL B 110 38.84 9.06 16.78
N LEU B 111 38.34 9.09 18.01
CA LEU B 111 38.11 10.35 18.69
C LEU B 111 39.36 10.75 19.43
N GLU B 112 39.91 11.93 19.11
CA GLU B 112 41.12 12.41 19.76
C GLU B 112 40.94 13.72 20.50
N GLN B 113 40.98 13.68 21.83
CA GLN B 113 40.81 14.91 22.58
C GLN B 113 41.90 15.90 22.21
N GLY B 114 41.50 17.15 22.01
CA GLY B 114 42.45 18.19 21.65
C GLY B 114 41.74 19.53 21.63
N LYS B 115 42.34 20.54 20.97
CA LYS B 115 41.71 21.85 20.90
C LYS B 115 41.25 22.09 19.48
N VAL B 116 40.02 22.57 19.32
CA VAL B 116 39.50 22.81 17.97
C VAL B 116 39.85 24.19 17.50
N VAL B 117 40.57 24.24 16.39
CA VAL B 117 41.05 25.48 15.81
C VAL B 117 39.97 26.48 15.42
MG MG C . -23.36 -10.41 -6.80
MG MG D . -20.42 -11.50 -8.69
N1 UMP E . -15.36 0.54 -14.32
C2 UMP E . -15.12 0.82 -12.95
N3 UMP E . -15.73 0.03 -12.02
C4 UMP E . -16.57 -1.05 -12.25
C5 UMP E . -16.82 -1.33 -13.63
C6 UMP E . -16.21 -0.53 -14.55
O2 UMP E . -14.45 1.66 -12.58
O4 UMP E . -17.05 -1.69 -11.38
C1' UMP E . -14.86 1.18 -15.37
C2' UMP E . -13.52 0.66 -16.08
C3' UMP E . -13.97 0.09 -17.40
C4' UMP E . -15.25 0.89 -17.68
O3' UMP E . -13.05 0.13 -18.48
O4' UMP E . -15.83 1.36 -16.46
C5' UMP E . -16.14 0.11 -18.46
O5' UMP E . -17.44 0.29 -18.48
P UMP E . -18.59 -0.82 -18.64
OP1 UMP E . -19.90 -0.18 -18.77
OP2 UMP E . -18.54 -1.66 -17.25
OP3 UMP E . -18.10 -1.63 -19.85
MG MG F . 11.83 15.06 11.56
N1 UMP G . 16.20 0.67 14.70
C2 UMP G . 14.90 0.47 14.16
N3 UMP G . 14.19 1.57 13.75
C4 UMP G . 14.58 2.91 13.80
C5 UMP G . 15.88 3.10 14.36
C6 UMP G . 16.57 1.99 14.75
O2 UMP G . 14.41 -0.57 14.04
O4 UMP G . 13.90 3.82 13.42
C1' UMP G . 17.08 -0.24 15.17
C2' UMP G . 18.38 -0.68 14.34
C3' UMP G . 19.54 0.01 15.07
C4' UMP G . 19.07 -0.03 16.56
O3' UMP G . 20.81 -0.57 14.88
O4' UMP G . 17.61 0.08 16.51
C5' UMP G . 19.65 0.91 17.44
O5' UMP G . 19.16 2.16 17.40
P UMP G . 19.55 3.51 18.11
OP1 UMP G . 18.65 4.63 17.70
OP2 UMP G . 21.09 3.63 17.57
OP3 UMP G . 19.47 3.14 19.59
#